data_8IA4
#
_entry.id   8IA4
#
_cell.length_a   26.592
_cell.length_b   76.391
_cell.length_c   88.445
_cell.angle_alpha   90.000
_cell.angle_beta   90.000
_cell.angle_gamma   90.000
#
_symmetry.space_group_name_H-M   'P 21 21 21'
#
loop_
_entity.id
_entity.type
_entity.pdbx_description
1 polymer 'CRISPR-associated endoribonuclease Cas2'
2 polymer peptide
3 water water
#
loop_
_entity_poly.entity_id
_entity_poly.type
_entity_poly.pdbx_seq_one_letter_code
_entity_poly.pdbx_strand_id
1 'polypeptide(L)'
;MRVIVFFDLPVITPENRHNYSVFRKYLIKSGFIMQQKSVYSKLVLNLTNRDSIVKSIEKNKPPEGLVEVLTVTEKQYAKM
EIIIGESKTEYLNTDERLVVL
;
A,B
2 'polypeptide(L)' IELSG Q
#
# COMPACT_ATOMS: atom_id res chain seq x y z
N MET A 1 5.96 -1.18 -17.54
CA MET A 1 5.49 -0.48 -16.34
C MET A 1 4.65 -1.41 -15.47
N ARG A 2 4.35 -0.97 -14.25
CA ARG A 2 3.45 -1.67 -13.35
C ARG A 2 2.36 -0.72 -12.90
N VAL A 3 1.12 -1.16 -12.95
CA VAL A 3 0.02 -0.41 -12.39
C VAL A 3 -0.26 -0.99 -11.01
N ILE A 4 -0.20 -0.14 -9.99
CA ILE A 4 -0.43 -0.55 -8.62
C ILE A 4 -1.72 0.08 -8.14
N VAL A 5 -2.63 -0.76 -7.64
CA VAL A 5 -3.92 -0.33 -7.15
C VAL A 5 -3.92 -0.45 -5.64
N PHE A 6 -4.04 0.68 -4.94
CA PHE A 6 -4.26 0.68 -3.51
C PHE A 6 -5.73 0.99 -3.26
N PHE A 7 -6.41 0.16 -2.47
CA PHE A 7 -7.80 0.45 -2.19
C PHE A 7 -8.06 0.40 -0.69
N ASP A 8 -8.95 1.29 -0.26
CA ASP A 8 -9.34 1.44 1.14
C ASP A 8 -10.86 1.40 1.12
N LEU A 9 -11.41 0.19 1.28
CA LEU A 9 -12.84 -0.05 1.22
C LEU A 9 -13.39 -0.39 2.59
N PRO A 10 -14.61 0.03 2.90
CA PRO A 10 -15.20 -0.31 4.21
C PRO A 10 -15.45 -1.80 4.33
N VAL A 11 -15.32 -2.30 5.55
CA VAL A 11 -15.60 -3.70 5.85
C VAL A 11 -16.52 -3.76 7.07
N ILE A 12 -17.25 -2.67 7.31
CA ILE A 12 -18.13 -2.58 8.48
C ILE A 12 -19.32 -3.53 8.34
N THR A 13 -20.17 -3.29 7.34
CA THR A 13 -21.43 -3.98 7.16
C THR A 13 -21.26 -5.25 6.33
N PRO A 14 -22.24 -6.15 6.37
CA PRO A 14 -22.21 -7.30 5.45
C PRO A 14 -22.20 -6.90 3.98
N GLU A 15 -22.87 -5.80 3.61
CA GLU A 15 -22.81 -5.35 2.23
C GLU A 15 -21.42 -4.83 1.87
N ASN A 16 -20.77 -4.14 2.81
CA ASN A 16 -19.39 -3.70 2.60
C ASN A 16 -18.49 -4.87 2.25
N ARG A 17 -18.56 -5.95 3.03
CA ARG A 17 -17.66 -7.07 2.84
C ARG A 17 -17.95 -7.83 1.56
N HIS A 18 -19.22 -7.92 1.18
CA HIS A 18 -19.56 -8.49 -0.12
C HIS A 18 -18.97 -7.67 -1.26
N ASN A 19 -19.16 -6.34 -1.21
CA ASN A 19 -18.63 -5.47 -2.26
C ASN A 19 -17.11 -5.50 -2.29
N TYR A 20 -16.47 -5.74 -1.14
CA TYR A 20 -15.03 -5.88 -1.09
C TYR A 20 -14.58 -7.10 -1.90
N SER A 21 -15.26 -8.23 -1.74
CA SER A 21 -14.89 -9.43 -2.48
C SER A 21 -15.23 -9.32 -3.95
N VAL A 22 -16.23 -8.52 -4.30
CA VAL A 22 -16.56 -8.31 -5.70
C VAL A 22 -15.44 -7.54 -6.39
N PHE A 23 -14.92 -6.50 -5.74
CA PHE A 23 -13.85 -5.72 -6.35
C PHE A 23 -12.56 -6.54 -6.43
N ARG A 24 -12.25 -7.32 -5.39
CA ARG A 24 -11.08 -8.17 -5.42
C ARG A 24 -11.16 -9.20 -6.55
N LYS A 25 -12.34 -9.80 -6.73
CA LYS A 25 -12.52 -10.77 -7.81
C LYS A 25 -12.39 -10.09 -9.17
N TYR A 26 -12.89 -8.85 -9.30
CA TYR A 26 -12.72 -8.14 -10.57
C TYR A 26 -11.25 -7.90 -10.87
N LEU A 27 -10.46 -7.56 -9.84
CA LEU A 27 -9.03 -7.36 -10.06
C LEU A 27 -8.35 -8.65 -10.48
N ILE A 28 -8.68 -9.76 -9.80
CA ILE A 28 -8.10 -11.05 -10.15
C ILE A 28 -8.50 -11.42 -11.58
N LYS A 29 -9.78 -11.29 -11.90
CA LYS A 29 -10.24 -11.59 -13.25
C LYS A 29 -9.53 -10.75 -14.29
N SER A 30 -9.17 -9.51 -13.93
CA SER A 30 -8.46 -8.60 -14.82
C SER A 30 -6.97 -8.90 -14.91
N GLY A 31 -6.47 -9.91 -14.23
CA GLY A 31 -5.06 -10.23 -14.31
C GLY A 31 -4.16 -9.49 -13.34
N PHE A 32 -4.73 -8.80 -12.35
CA PHE A 32 -3.93 -8.21 -11.29
C PHE A 32 -3.52 -9.30 -10.31
N ILE A 33 -2.35 -9.10 -9.70
CA ILE A 33 -1.86 -10.06 -8.73
C ILE A 33 -1.87 -9.39 -7.36
N MET A 34 -2.27 -10.15 -6.35
CA MET A 34 -2.32 -9.61 -5.00
C MET A 34 -0.90 -9.41 -4.50
N GLN A 35 -0.61 -8.20 -4.04
CA GLN A 35 0.61 -7.89 -3.33
C GLN A 35 0.40 -7.91 -1.83
N GLN A 36 -0.68 -7.28 -1.40
CA GLN A 36 -1.17 -7.38 -0.04
C GLN A 36 -2.68 -7.40 -0.11
N LYS A 37 -3.28 -7.49 1.06
CA LYS A 37 -4.73 -7.57 1.18
C LYS A 37 -5.44 -6.40 0.49
N SER A 38 -4.82 -5.22 0.45
CA SER A 38 -5.38 -4.03 -0.15
C SER A 38 -4.52 -3.44 -1.26
N VAL A 39 -3.57 -4.21 -1.81
CA VAL A 39 -2.66 -3.70 -2.83
C VAL A 39 -2.50 -4.76 -3.92
N TYR A 40 -2.84 -4.40 -5.15
CA TYR A 40 -2.77 -5.30 -6.29
C TYR A 40 -1.98 -4.63 -7.41
N SER A 41 -1.31 -5.43 -8.24
CA SER A 41 -0.47 -4.87 -9.29
C SER A 41 -0.66 -5.67 -10.57
N LYS A 42 -0.31 -5.02 -11.69
CA LYS A 42 -0.42 -5.64 -13.00
C LYS A 42 0.71 -5.12 -13.89
N LEU A 43 1.40 -6.05 -14.54
CA LEU A 43 2.42 -5.67 -15.51
C LEU A 43 1.76 -5.03 -16.73
N VAL A 44 2.33 -3.93 -17.19
CA VAL A 44 1.86 -3.25 -18.39
C VAL A 44 3.00 -3.23 -19.40
N LEU A 45 2.78 -3.83 -20.55
CA LEU A 45 3.79 -3.92 -21.58
C LEU A 45 3.77 -2.74 -22.55
N ASN A 46 2.63 -2.06 -22.66
CA ASN A 46 2.55 -0.91 -23.54
C ASN A 46 1.65 0.15 -22.89
N LEU A 47 2.09 1.40 -23.00
CA LEU A 47 1.43 2.49 -22.29
C LEU A 47 0.02 2.75 -22.80
N THR A 48 -0.27 2.38 -24.05
CA THR A 48 -1.64 2.48 -24.55
C THR A 48 -2.61 1.74 -23.65
N ASN A 49 -2.23 0.53 -23.23
CA ASN A 49 -3.10 -0.28 -22.38
C ASN A 49 -3.29 0.32 -20.99
N ARG A 50 -2.33 1.13 -20.51
CA ARG A 50 -2.41 1.63 -19.13
C ARG A 50 -3.71 2.38 -18.87
N ASP A 51 -4.05 3.32 -19.73
CA ASP A 51 -5.24 4.11 -19.44
C ASP A 51 -6.51 3.39 -19.84
N SER A 52 -6.41 2.36 -20.67
CA SER A 52 -7.52 1.43 -20.82
C SER A 52 -7.79 0.71 -19.50
N ILE A 53 -6.72 0.34 -18.79
CA ILE A 53 -6.88 -0.29 -17.48
C ILE A 53 -7.54 0.66 -16.49
N VAL A 54 -7.12 1.93 -16.49
CA VAL A 54 -7.68 2.89 -15.54
C VAL A 54 -9.17 3.11 -15.81
N LYS A 55 -9.55 3.18 -17.09
CA LYS A 55 -10.96 3.34 -17.44
C LYS A 55 -11.78 2.16 -16.94
N SER A 56 -11.25 0.94 -17.08
CA SER A 56 -11.96 -0.25 -16.59
C SER A 56 -12.13 -0.22 -15.08
N ILE A 57 -11.09 0.16 -14.35
CA ILE A 57 -11.20 0.25 -12.89
C ILE A 57 -12.27 1.26 -12.52
N GLU A 58 -12.30 2.41 -13.21
CA GLU A 58 -13.31 3.43 -12.94
C GLU A 58 -14.72 2.90 -13.16
N LYS A 59 -14.94 2.18 -14.26
CA LYS A 59 -16.26 1.64 -14.56
C LYS A 59 -16.66 0.52 -13.62
N ASN A 60 -15.70 -0.15 -13.00
CA ASN A 60 -15.98 -1.28 -12.12
C ASN A 60 -15.71 -0.93 -10.67
N LYS A 61 -15.71 0.37 -10.34
CA LYS A 61 -15.38 0.79 -8.99
C LYS A 61 -16.46 0.32 -8.01
N PRO A 62 -16.09 0.06 -6.76
CA PRO A 62 -17.08 -0.31 -5.76
C PRO A 62 -17.90 0.91 -5.35
N PRO A 63 -19.08 0.70 -4.73
CA PRO A 63 -19.95 1.83 -4.42
C PRO A 63 -19.40 2.77 -3.35
N GLU A 64 -18.53 2.28 -2.47
CA GLU A 64 -17.95 3.11 -1.43
C GLU A 64 -16.49 2.74 -1.26
N GLY A 65 -15.67 3.74 -0.93
CA GLY A 65 -14.27 3.53 -0.64
C GLY A 65 -13.39 4.36 -1.54
N LEU A 66 -12.10 4.27 -1.28
CA LEU A 66 -11.10 5.03 -2.00
C LEU A 66 -10.19 4.07 -2.76
N VAL A 67 -10.07 4.29 -4.06
CA VAL A 67 -9.17 3.51 -4.91
C VAL A 67 -8.19 4.47 -5.55
N GLU A 68 -6.90 4.19 -5.40
CA GLU A 68 -5.88 5.03 -6.00
C GLU A 68 -4.99 4.16 -6.87
N VAL A 69 -4.68 4.65 -8.06
CA VAL A 69 -3.99 3.87 -9.09
C VAL A 69 -2.72 4.60 -9.46
N LEU A 70 -1.59 3.96 -9.18
CA LEU A 70 -0.27 4.52 -9.41
C LEU A 70 0.45 3.70 -10.47
N THR A 71 1.18 4.39 -11.34
CA THR A 71 1.94 3.76 -12.40
C THR A 71 3.42 3.97 -12.12
N VAL A 72 4.18 2.87 -12.06
CA VAL A 72 5.60 2.91 -11.76
C VAL A 72 6.34 2.09 -12.82
N THR A 73 7.65 2.29 -12.87
CA THR A 73 8.48 1.50 -13.75
C THR A 73 8.74 0.12 -13.17
N GLU A 74 9.17 -0.81 -14.05
CA GLU A 74 9.48 -2.15 -13.58
C GLU A 74 10.66 -2.15 -12.61
N LYS A 75 11.62 -1.23 -12.79
CA LYS A 75 12.74 -1.17 -11.85
C LYS A 75 12.29 -0.69 -10.48
N GLN A 76 11.42 0.32 -10.44
CA GLN A 76 10.88 0.76 -9.16
C GLN A 76 10.12 -0.38 -8.47
N TYR A 77 9.39 -1.17 -9.25
CA TYR A 77 8.65 -2.27 -8.67
C TYR A 77 9.58 -3.37 -8.17
N ALA A 78 10.61 -3.70 -8.95
CA ALA A 78 11.48 -4.82 -8.59
C ALA A 78 12.34 -4.49 -7.37
N LYS A 79 12.68 -3.23 -7.15
CA LYS A 79 13.51 -2.85 -6.01
C LYS A 79 12.70 -2.33 -4.82
N MET A 80 11.39 -2.62 -4.79
CA MET A 80 10.61 -2.33 -3.59
C MET A 80 11.19 -3.07 -2.40
N GLU A 81 11.30 -2.38 -1.26
CA GLU A 81 11.80 -3.01 -0.05
C GLU A 81 10.70 -3.82 0.61
N ILE A 82 11.00 -5.08 0.91
CA ILE A 82 10.04 -5.98 1.56
C ILE A 82 10.53 -6.23 2.98
N ILE A 83 9.73 -5.84 3.95
CA ILE A 83 10.06 -5.95 5.36
C ILE A 83 9.07 -6.90 6.01
N ILE A 84 9.56 -7.95 6.63
CA ILE A 84 8.71 -9.00 7.19
C ILE A 84 8.65 -8.82 8.69
N GLY A 85 7.43 -8.81 9.23
CA GLY A 85 7.23 -8.63 10.64
C GLY A 85 7.88 -9.75 11.43
N GLU A 86 8.75 -9.39 12.36
CA GLU A 86 9.37 -10.34 13.27
C GLU A 86 9.49 -9.72 14.64
N SER A 87 9.21 -10.50 15.68
CA SER A 87 9.37 -10.01 17.04
C SER A 87 10.86 -9.76 17.32
N LYS A 88 11.13 -8.78 18.19
CA LYS A 88 12.52 -8.41 18.44
C LYS A 88 13.25 -9.54 19.15
N THR A 89 12.54 -10.23 20.06
CA THR A 89 13.09 -11.34 20.81
C THR A 89 12.60 -12.65 20.21
N GLU A 90 13.03 -12.90 18.97
CA GLU A 90 12.64 -14.09 18.23
C GLU A 90 13.75 -15.12 18.30
N TYR A 91 13.36 -16.38 18.44
CA TYR A 91 14.33 -17.47 18.45
C TYR A 91 14.70 -17.83 17.01
N LEU A 92 15.97 -18.19 16.82
CA LEU A 92 16.47 -18.52 15.49
C LEU A 92 16.24 -20.00 15.21
N ASN A 93 15.86 -20.29 13.98
CA ASN A 93 15.63 -21.67 13.56
C ASN A 93 16.94 -22.44 13.60
N THR A 94 17.08 -23.34 14.58
CA THR A 94 18.25 -24.19 14.62
C THR A 94 18.04 -25.39 13.71
N ASP A 95 17.58 -25.11 12.49
CA ASP A 95 17.49 -26.08 11.41
C ASP A 95 16.53 -27.23 11.75
N MET B 1 12.23 12.75 -4.01
CA MET B 1 11.41 11.57 -4.27
C MET B 1 10.32 11.44 -3.21
N ARG B 2 9.37 10.55 -3.43
CA ARG B 2 8.37 10.25 -2.41
C ARG B 2 8.49 8.77 -2.05
N VAL B 3 8.54 8.52 -0.75
CA VAL B 3 8.58 7.16 -0.22
C VAL B 3 7.17 6.76 0.21
N ILE B 4 6.70 5.64 -0.30
CA ILE B 4 5.38 5.10 0.02
C ILE B 4 5.59 3.83 0.82
N VAL B 5 5.01 3.78 2.02
CA VAL B 5 5.03 2.60 2.88
C VAL B 5 3.60 2.07 2.96
N PHE B 6 3.36 0.90 2.38
CA PHE B 6 2.09 0.19 2.54
C PHE B 6 2.31 -1.10 3.30
N PHE B 7 1.44 -1.37 4.28
CA PHE B 7 1.59 -2.54 5.14
C PHE B 7 0.31 -3.33 5.25
N ASP B 8 0.47 -4.64 5.46
CA ASP B 8 -0.60 -5.63 5.61
C ASP B 8 -0.31 -6.37 6.91
N LEU B 9 -0.92 -5.90 8.00
CA LEU B 9 -0.75 -6.42 9.35
C LEU B 9 -2.01 -7.13 9.83
N PRO B 10 -1.88 -8.18 10.63
CA PRO B 10 -3.08 -8.84 11.16
C PRO B 10 -3.85 -7.93 12.11
N VAL B 11 -5.18 -8.04 12.08
CA VAL B 11 -6.02 -7.25 12.98
C VAL B 11 -7.06 -8.13 13.67
N ILE B 12 -6.79 -9.43 13.74
CA ILE B 12 -7.76 -10.36 14.34
C ILE B 12 -7.89 -10.12 15.84
N THR B 13 -6.79 -10.32 16.57
CA THR B 13 -6.82 -10.31 18.03
C THR B 13 -6.64 -8.89 18.56
N PRO B 14 -7.00 -8.64 19.82
CA PRO B 14 -6.69 -7.32 20.42
C PRO B 14 -5.22 -6.98 20.42
N GLU B 15 -4.35 -7.99 20.58
CA GLU B 15 -2.92 -7.71 20.53
C GLU B 15 -2.49 -7.30 19.12
N ASN B 16 -3.07 -7.94 18.09
CA ASN B 16 -2.81 -7.53 16.71
C ASN B 16 -3.13 -6.05 16.52
N ARG B 17 -4.32 -5.62 16.97
CA ARG B 17 -4.75 -4.26 16.74
C ARG B 17 -3.93 -3.27 17.55
N HIS B 18 -3.53 -3.65 18.77
CA HIS B 18 -2.58 -2.83 19.52
C HIS B 18 -1.28 -2.68 18.74
N ASN B 19 -0.75 -3.79 18.23
CA ASN B 19 0.48 -3.73 17.47
C ASN B 19 0.33 -2.92 16.19
N TYR B 20 -0.86 -2.94 15.59
CA TYR B 20 -1.12 -2.11 14.42
C TYR B 20 -1.04 -0.63 14.78
N SER B 21 -1.63 -0.23 15.90
CA SER B 21 -1.63 1.18 16.28
C SER B 21 -0.25 1.64 16.70
N VAL B 22 0.58 0.73 17.22
CA VAL B 22 1.94 1.11 17.59
C VAL B 22 2.76 1.41 16.35
N PHE B 23 2.65 0.59 15.31
CA PHE B 23 3.39 0.83 14.08
C PHE B 23 2.88 2.08 13.37
N ARG B 24 1.56 2.29 13.36
CA ARG B 24 1.02 3.50 12.76
C ARG B 24 1.52 4.74 13.49
N LYS B 25 1.54 4.69 14.82
CA LYS B 25 2.04 5.83 15.59
C LYS B 25 3.51 6.06 15.32
N TYR B 26 4.28 4.99 15.13
CA TYR B 26 5.69 5.15 14.79
C TYR B 26 5.86 5.85 13.46
N LEU B 27 5.05 5.49 12.46
CA LEU B 27 5.15 6.12 11.15
C LEU B 27 4.84 7.60 11.24
N ILE B 28 3.76 7.96 11.95
CA ILE B 28 3.41 9.35 12.12
C ILE B 28 4.53 10.10 12.85
N LYS B 29 5.07 9.49 13.91
CA LYS B 29 6.19 10.09 14.63
C LYS B 29 7.39 10.31 13.72
N SER B 30 7.58 9.47 12.70
CA SER B 30 8.66 9.64 11.75
C SER B 30 8.37 10.69 10.68
N GLY B 31 7.20 11.35 10.73
CA GLY B 31 6.87 12.36 9.74
C GLY B 31 6.15 11.86 8.51
N PHE B 32 5.69 10.62 8.51
CA PHE B 32 4.85 10.10 7.43
C PHE B 32 3.43 10.62 7.57
N ILE B 33 2.77 10.81 6.42
CA ILE B 33 1.39 11.27 6.37
C ILE B 33 0.55 10.17 5.73
N MET B 34 -0.67 9.99 6.24
CA MET B 34 -1.56 8.97 5.70
C MET B 34 -2.06 9.37 4.32
N GLN B 35 -1.95 8.45 3.37
CA GLN B 35 -2.59 8.62 2.07
C GLN B 35 -3.96 7.95 2.05
N GLN B 36 -4.01 6.71 2.53
CA GLN B 36 -5.25 6.01 2.84
C GLN B 36 -4.92 5.01 3.94
N LYS B 37 -5.90 4.20 4.32
CA LYS B 37 -5.66 3.23 5.38
C LYS B 37 -4.51 2.31 4.99
N SER B 38 -3.56 2.13 5.92
CA SER B 38 -2.40 1.28 5.72
C SER B 38 -1.47 1.75 4.60
N VAL B 39 -1.54 3.01 4.18
CA VAL B 39 -0.67 3.55 3.15
C VAL B 39 -0.21 4.94 3.58
N TYR B 40 1.10 5.13 3.74
CA TYR B 40 1.68 6.37 4.21
C TYR B 40 2.81 6.82 3.28
N SER B 41 3.01 8.13 3.20
CA SER B 41 4.02 8.67 2.29
C SER B 41 4.78 9.80 2.95
N LYS B 42 5.99 10.04 2.46
CA LYS B 42 6.86 11.09 2.96
C LYS B 42 7.78 11.55 1.84
N LEU B 43 7.91 12.87 1.67
CA LEU B 43 8.89 13.43 0.76
C LEU B 43 10.31 13.21 1.29
N VAL B 44 11.22 12.78 0.42
CA VAL B 44 12.64 12.61 0.74
C VAL B 44 13.45 13.39 -0.28
N LEU B 45 14.47 14.11 0.21
CA LEU B 45 15.26 14.94 -0.69
C LEU B 45 16.34 14.15 -1.41
N ASN B 46 16.84 13.08 -0.82
CA ASN B 46 17.85 12.25 -1.47
C ASN B 46 17.72 10.82 -0.96
N LEU B 47 18.35 9.89 -1.69
CA LEU B 47 18.21 8.48 -1.33
C LEU B 47 18.94 8.12 -0.04
N THR B 48 19.95 8.89 0.38
CA THR B 48 20.54 8.65 1.69
C THR B 48 19.46 8.75 2.77
N ASN B 49 18.65 9.82 2.72
CA ASN B 49 17.57 9.95 3.67
C ASN B 49 16.54 8.84 3.48
N ARG B 50 16.37 8.39 2.23
CA ARG B 50 15.47 7.28 1.95
C ARG B 50 15.94 6.02 2.67
N ASP B 51 17.23 5.70 2.58
CA ASP B 51 17.66 4.44 3.16
C ASP B 51 17.76 4.51 4.68
N SER B 52 17.94 5.70 5.24
CA SER B 52 17.83 5.86 6.68
C SER B 52 16.40 5.63 7.16
N ILE B 53 15.42 6.11 6.40
CA ILE B 53 14.02 5.90 6.75
C ILE B 53 13.68 4.42 6.74
N VAL B 54 14.11 3.71 5.70
CA VAL B 54 13.79 2.29 5.58
C VAL B 54 14.49 1.50 6.69
N LYS B 55 15.73 1.87 7.02
CA LYS B 55 16.44 1.18 8.09
C LYS B 55 15.72 1.36 9.42
N SER B 56 15.22 2.56 9.68
CA SER B 56 14.46 2.81 10.89
C SER B 56 13.17 1.99 10.91
N ILE B 57 12.48 1.90 9.77
CA ILE B 57 11.25 1.10 9.70
C ILE B 57 11.56 -0.36 10.03
N GLU B 58 12.66 -0.88 9.49
CA GLU B 58 13.01 -2.27 9.79
C GLU B 58 13.27 -2.47 11.28
N LYS B 59 13.97 -1.54 11.93
CA LYS B 59 14.24 -1.68 13.35
C LYS B 59 12.98 -1.48 14.20
N ASN B 60 11.95 -0.85 13.66
CA ASN B 60 10.72 -0.61 14.40
C ASN B 60 9.54 -1.42 13.87
N LYS B 61 9.81 -2.48 13.11
CA LYS B 61 8.74 -3.25 12.46
C LYS B 61 7.89 -4.00 13.48
N PRO B 62 6.62 -4.27 13.14
CA PRO B 62 5.74 -5.02 14.05
C PRO B 62 6.11 -6.49 14.12
N PRO B 63 5.56 -7.24 15.08
CA PRO B 63 5.95 -8.66 15.21
C PRO B 63 5.46 -9.55 14.09
N GLU B 64 4.37 -9.18 13.40
CA GLU B 64 3.83 -9.96 12.31
C GLU B 64 3.30 -9.04 11.24
N GLY B 65 3.40 -9.48 9.99
CA GLY B 65 2.84 -8.75 8.87
C GLY B 65 3.87 -8.44 7.81
N LEU B 66 3.41 -7.76 6.77
CA LEU B 66 4.21 -7.40 5.62
C LEU B 66 4.25 -5.88 5.50
N VAL B 67 5.46 -5.32 5.42
CA VAL B 67 5.66 -3.89 5.21
C VAL B 67 6.47 -3.72 3.94
N GLU B 68 5.98 -2.92 3.01
CA GLU B 68 6.66 -2.72 1.74
C GLU B 68 6.87 -1.24 1.47
N VAL B 69 8.02 -0.93 0.87
CA VAL B 69 8.46 0.45 0.69
C VAL B 69 8.74 0.69 -0.78
N LEU B 70 8.00 1.62 -1.37
CA LEU B 70 8.15 1.99 -2.77
C LEU B 70 8.62 3.43 -2.85
N THR B 71 9.56 3.72 -3.75
CA THR B 71 10.09 5.06 -3.95
C THR B 71 9.77 5.52 -5.37
N VAL B 72 9.08 6.65 -5.49
CA VAL B 72 8.66 7.18 -6.78
C VAL B 72 9.02 8.66 -6.86
N THR B 73 8.96 9.20 -8.07
CA THR B 73 9.15 10.63 -8.21
C THR B 73 7.89 11.38 -7.79
N GLU B 74 8.05 12.66 -7.46
CA GLU B 74 6.87 13.44 -7.10
C GLU B 74 5.92 13.59 -8.27
N LYS B 75 6.45 13.62 -9.50
CA LYS B 75 5.59 13.71 -10.68
C LYS B 75 4.74 12.44 -10.85
N GLN B 76 5.36 11.27 -10.68
CA GLN B 76 4.60 10.02 -10.74
C GLN B 76 3.51 9.99 -9.68
N TYR B 77 3.82 10.47 -8.48
CA TYR B 77 2.84 10.49 -7.40
C TYR B 77 1.70 11.44 -7.71
N ALA B 78 2.00 12.58 -8.31
CA ALA B 78 0.98 13.58 -8.60
C ALA B 78 0.00 13.11 -9.65
N LYS B 79 0.40 12.16 -10.51
CA LYS B 79 -0.46 11.65 -11.55
C LYS B 79 -1.19 10.37 -11.13
N MET B 80 -1.20 10.07 -9.83
CA MET B 80 -2.03 8.98 -9.33
C MET B 80 -3.50 9.23 -9.63
N GLU B 81 -4.19 8.20 -10.11
CA GLU B 81 -5.63 8.28 -10.37
C GLU B 81 -6.39 8.08 -9.06
N ILE B 82 -7.33 8.97 -8.77
CA ILE B 82 -8.11 8.93 -7.54
C ILE B 82 -9.54 8.54 -7.89
N ILE B 83 -10.01 7.42 -7.35
CA ILE B 83 -11.37 6.93 -7.59
C ILE B 83 -12.09 6.83 -6.26
N ILE B 84 -13.18 7.60 -6.10
CA ILE B 84 -13.97 7.63 -4.87
C ILE B 84 -15.32 7.01 -5.14
N GLY B 85 -15.76 6.12 -4.24
CA GLY B 85 -17.04 5.45 -4.42
C GLY B 85 -18.23 6.39 -4.50
N GLU B 86 -18.22 7.46 -3.71
CA GLU B 86 -19.29 8.48 -3.74
C GLU B 86 -18.55 9.80 -3.90
N SER B 87 -18.38 10.18 -5.18
CA SER B 87 -17.56 11.32 -5.59
C SER B 87 -18.16 12.70 -5.31
N LYS B 88 -19.48 12.85 -5.29
CA LYS B 88 -20.05 14.19 -5.44
C LYS B 88 -19.83 15.04 -4.19
N THR B 89 -19.57 16.33 -4.41
CA THR B 89 -19.20 17.30 -3.36
C THR B 89 -20.37 18.21 -2.99
N GLU B 90 -21.34 17.65 -2.24
CA GLU B 90 -22.50 18.44 -1.81
C GLU B 90 -22.38 18.83 -0.34
N TYR B 91 -22.55 20.12 -0.05
CA TYR B 91 -22.56 20.64 1.32
C TYR B 91 -23.97 20.67 1.89
N LEU B 92 -24.08 20.47 3.20
CA LEU B 92 -25.39 20.48 3.86
C LEU B 92 -25.80 21.91 4.22
N ILE C 1 20.46 -5.09 13.94
CA ILE C 1 20.57 -3.87 14.71
C ILE C 1 21.50 -2.88 13.98
N GLU C 2 22.55 -3.41 13.36
CA GLU C 2 23.27 -2.69 12.30
C GLU C 2 22.62 -3.09 10.97
N LEU C 3 21.52 -2.42 10.65
CA LEU C 3 20.68 -2.84 9.53
C LEU C 3 21.40 -2.60 8.20
N SER C 4 21.29 -3.59 7.32
CA SER C 4 21.83 -3.52 5.96
C SER C 4 20.64 -3.68 5.01
N GLY C 5 20.27 -2.58 4.34
CA GLY C 5 19.14 -2.61 3.43
C GLY C 5 19.07 -1.38 2.54
#